data_4OVZ
#
_entry.id   4OVZ
#
_cell.length_a   119.772
_cell.length_b   73.508
_cell.length_c   98.269
_cell.angle_alpha   90.000
_cell.angle_beta   103.660
_cell.angle_gamma   90.000
#
_symmetry.space_group_name_H-M   'C 1 2 1'
#
loop_
_entity.id
_entity.type
_entity.pdbx_description
1 polymer 'Papain-like proteinase'
2 polymer 'Papain-like proteinase'
3 non-polymer 'ZINC ION'
4 non-polymer N-[(4-fluorophenyl)methyl]-1-[(1R)-1-naphthalen-1-ylethyl]piperidine-4-carboxamide
5 non-polymer 'DIMETHYL SULFOXIDE'
6 non-polymer 'SODIUM ION'
7 water water
#
loop_
_entity_poly.entity_id
_entity_poly.type
_entity_poly.pdbx_seq_one_letter_code
_entity_poly.pdbx_strand_id
1 'polypeptide(L)'
;MEVKTIKVFTTVDNTNLHTQLVDMSMTYGQQFGPTYLDGADVTKIKPHVNHEGKTFFVLPSDDTLRSEAFEYYHTLDESF
LGRYMSALNHTKKWKFPQVGGLTSIKWADNN(OCS)YLSSVLLALQQLEVKFNAPALQEAYYRARAGDAANFCALILAYS
NKTVGELGDVRETMTHLLQHANLESAKRVLNVVCKHCGQKTTTLTGVEAVMYMGTLSYDNLKTGVSIPCVCGRDATQYLV
QQESSFVMMSAPPAEYKLQQGTFLCANEYTGNYQ(CSO)GHYTHITAKETLYRIDGAHLTKMSEYKGPVTDVFYKETSYT
TTIK
;
A
2 'polypeptide(L)'
;MEVKTIKVFTTVDNTNLHTQLVDMSMTYGQQFGPTYLDGADVTKIKPHVNHEGKTFFVLPSDDTLRSEAFEYYHTLDESF
LGRYMSALNHTKKWKFPQVGGLTSIKWADNN(OCS)YLSSVLLALQQLEVKFNAPALQEAYYRARAGDAANFCALILAYS
NKTVGELGDVRETMTHLLQHANLESAKRVLNVVCKHCGQKTTTLTGVEAVMYMGTLSYDNLKTGVSIPCVCGRDATQYLV
QQESSFVMMSAPPAEYKLQQGTFLCANEYTGNYQCGHYTHITAKETLYRIDGAHLTKMSEYKGPVTDVFYKETSYTTTIK
;
B
#
loop_
_chem_comp.id
_chem_comp.type
_chem_comp.name
_chem_comp.formula
DMS non-polymer 'DIMETHYL SULFOXIDE' 'C2 H6 O S'
NA non-polymer 'SODIUM ION' 'Na 1'
P85 non-polymer N-[(4-fluorophenyl)methyl]-1-[(1R)-1-naphthalen-1-ylethyl]piperidine-4-carboxamide 'C25 H27 F N2 O'
ZN non-polymer 'ZINC ION' 'Zn 2'
#
# COMPACT_ATOMS: atom_id res chain seq x y z
N PHE A 9 -4.01 17.27 30.37
CA PHE A 9 -4.87 16.59 29.38
C PHE A 9 -4.10 16.04 28.20
N THR A 10 -3.87 14.73 28.19
CA THR A 10 -3.29 14.09 27.03
C THR A 10 -4.39 13.27 26.30
N THR A 11 -4.17 12.92 25.04
CA THR A 11 -5.11 12.03 24.37
C THR A 11 -4.54 11.53 23.08
N VAL A 12 -4.87 10.31 22.74
CA VAL A 12 -4.43 9.74 21.47
C VAL A 12 -5.58 9.54 20.51
N ASP A 13 -6.80 9.76 20.97
CA ASP A 13 -7.99 9.65 20.14
C ASP A 13 -8.90 10.90 20.15
N ASN A 14 -8.55 11.93 20.92
CA ASN A 14 -9.37 13.13 21.01
C ASN A 14 -10.78 12.89 21.59
N THR A 15 -11.00 11.71 22.16
CA THR A 15 -12.29 11.38 22.74
C THR A 15 -12.17 11.16 24.27
N ASN A 16 -11.06 10.52 24.65
CA ASN A 16 -10.72 10.26 26.02
C ASN A 16 -9.54 11.11 26.44
N LEU A 17 -9.82 12.11 27.28
CA LEU A 17 -8.75 12.96 27.77
C LEU A 17 -8.28 12.48 29.13
N HIS A 18 -6.99 12.59 29.36
CA HIS A 18 -6.36 12.13 30.56
C HIS A 18 -5.54 13.24 31.23
N THR A 19 -6.21 14.01 32.09
CA THR A 19 -5.62 14.98 33.01
C THR A 19 -4.24 14.64 33.52
N GLN A 20 -3.31 15.56 33.36
CA GLN A 20 -1.95 15.34 33.85
C GLN A 20 -1.39 16.67 34.35
N LEU A 21 -0.50 16.60 35.34
CA LEU A 21 0.12 17.80 35.90
C LEU A 21 1.60 17.96 35.52
N VAL A 22 1.93 19.15 35.01
CA VAL A 22 3.21 19.40 34.36
C VAL A 22 4.27 20.01 35.28
N ASP A 23 5.53 19.83 34.89
CA ASP A 23 6.69 20.39 35.62
C ASP A 23 7.45 21.47 34.80
N MET A 24 7.62 22.64 35.40
CA MET A 24 8.40 23.72 34.81
C MET A 24 9.61 23.18 34.06
N SER A 25 10.43 22.42 34.78
CA SER A 25 11.72 21.98 34.31
C SER A 25 11.68 21.51 32.86
N MET A 26 11.25 20.28 32.64
CA MET A 26 11.47 19.62 31.35
C MET A 26 10.47 19.92 30.24
N THR A 27 10.86 19.48 29.04
CA THR A 27 10.02 19.59 27.87
C THR A 27 9.09 18.40 27.78
N TYR A 28 7.95 18.62 27.13
CA TYR A 28 6.94 17.59 26.98
C TYR A 28 7.55 16.27 26.58
N GLY A 29 8.49 16.30 25.65
CA GLY A 29 9.19 15.11 25.21
C GLY A 29 9.74 14.38 26.40
N GLN A 30 10.23 15.13 27.37
CA GLN A 30 10.78 14.51 28.57
C GLN A 30 9.71 13.80 29.38
N GLN A 31 8.63 14.52 29.66
CA GLN A 31 7.60 14.03 30.58
C GLN A 31 6.53 13.17 29.90
N PHE A 32 6.31 13.39 28.60
CA PHE A 32 5.25 12.70 27.85
C PHE A 32 5.76 11.76 26.77
N GLY A 33 7.06 11.79 26.49
CA GLY A 33 7.58 11.16 25.30
C GLY A 33 7.21 12.00 24.08
N PRO A 34 7.31 11.41 22.88
CA PRO A 34 6.92 12.19 21.70
C PRO A 34 5.55 12.82 21.92
N THR A 35 5.48 14.13 21.72
CA THR A 35 4.29 14.92 22.03
C THR A 35 3.91 15.82 20.86
N TYR A 36 2.73 16.41 20.91
CA TYR A 36 2.28 17.37 19.91
C TYR A 36 1.33 18.38 20.55
N LEU A 37 0.72 19.20 19.72
CA LEU A 37 -0.26 20.18 20.15
C LEU A 37 -0.64 21.01 18.93
N ASP A 38 -1.92 21.00 18.57
CA ASP A 38 -2.39 21.71 17.38
C ASP A 38 -1.38 21.58 16.23
N GLY A 39 -1.03 20.33 15.90
CA GLY A 39 -0.12 20.01 14.82
C GLY A 39 1.32 20.38 15.17
N ALA A 40 1.49 21.63 15.60
CA ALA A 40 2.75 22.13 16.10
C ALA A 40 3.40 21.13 17.06
N ASP A 41 4.12 20.15 16.53
CA ASP A 41 4.96 19.29 17.35
C ASP A 41 5.59 20.17 18.42
N VAL A 42 5.34 19.85 19.69
CA VAL A 42 5.91 20.63 20.79
C VAL A 42 6.75 19.72 21.68
N THR A 43 7.19 18.59 21.12
CA THR A 43 7.93 17.58 21.91
C THR A 43 9.01 18.22 22.75
N LYS A 44 10.03 18.79 22.11
CA LYS A 44 11.14 19.39 22.84
C LYS A 44 10.90 20.88 23.20
N ILE A 45 9.77 21.17 23.87
CA ILE A 45 9.50 22.51 24.40
C ILE A 45 8.85 22.44 25.79
N LYS A 46 8.92 23.54 26.54
CA LYS A 46 8.41 23.58 27.91
C LYS A 46 7.01 24.20 28.05
N PRO A 47 6.39 24.02 29.22
CA PRO A 47 5.10 24.58 29.63
C PRO A 47 4.94 26.08 29.41
N HIS A 48 3.69 26.52 29.28
CA HIS A 48 3.40 27.90 28.93
C HIS A 48 2.98 28.74 30.12
N VAL A 49 2.64 30.00 29.85
CA VAL A 49 2.08 30.90 30.86
C VAL A 49 0.58 31.12 30.59
N ASN A 50 0.06 30.52 29.52
CA ASN A 50 -1.34 30.74 29.11
C ASN A 50 -2.17 29.46 28.96
N HIS A 51 -1.82 28.63 27.97
CA HIS A 51 -2.75 27.63 27.46
C HIS A 51 -2.76 26.28 28.20
N GLU A 52 -2.43 26.27 29.48
CA GLU A 52 -2.62 25.05 30.26
C GLU A 52 -4.11 24.74 30.33
N GLY A 53 -4.44 23.47 30.56
CA GLY A 53 -5.78 22.98 30.32
C GLY A 53 -5.84 22.58 28.86
N LYS A 54 -4.66 22.47 28.24
CA LYS A 54 -4.52 22.11 26.83
C LYS A 54 -4.58 20.60 26.68
N THR A 55 -5.18 20.15 25.59
CA THR A 55 -5.16 18.75 25.22
C THR A 55 -3.98 18.51 24.28
N PHE A 56 -3.16 17.51 24.61
CA PHE A 56 -1.95 17.17 23.84
C PHE A 56 -2.10 15.81 23.15
N PHE A 57 -1.42 15.60 22.03
CA PHE A 57 -1.33 14.25 21.49
C PHE A 57 -0.06 13.58 21.93
N VAL A 58 -0.07 12.26 21.97
CA VAL A 58 1.00 11.54 22.65
C VAL A 58 1.04 10.15 22.10
N LEU A 59 2.20 9.54 22.23
CA LEU A 59 2.41 8.19 21.76
C LEU A 59 1.95 7.32 22.90
N PRO A 60 1.18 6.28 22.59
CA PRO A 60 0.84 5.30 23.63
C PRO A 60 2.02 4.88 24.50
N SER A 61 2.45 5.82 25.34
CA SER A 61 3.54 5.61 26.28
C SER A 61 3.26 4.37 27.10
N ASP A 62 1.98 4.15 27.42
CA ASP A 62 1.57 3.19 28.45
C ASP A 62 0.37 2.34 28.03
N ASP A 63 0.17 1.22 28.73
CA ASP A 63 -0.89 0.26 28.39
C ASP A 63 -2.29 0.84 28.07
N THR A 64 -2.56 2.06 28.52
CA THR A 64 -3.93 2.57 28.43
C THR A 64 -4.13 3.49 27.22
N LEU A 65 -3.16 4.36 26.95
CA LEU A 65 -3.15 5.09 25.69
C LEU A 65 -3.03 4.10 24.49
N ARG A 66 -2.18 3.09 24.62
CA ARG A 66 -2.06 2.04 23.63
C ARG A 66 -3.42 1.42 23.38
N SER A 67 -4.10 1.06 24.44
CA SER A 67 -5.37 0.43 24.22
C SER A 67 -6.40 1.36 23.52
N GLU A 68 -6.39 2.64 23.86
CA GLU A 68 -7.32 3.59 23.24
C GLU A 68 -6.95 3.90 21.82
N ALA A 69 -5.66 3.88 21.51
CA ALA A 69 -5.21 4.13 20.14
C ALA A 69 -5.67 2.99 19.25
N PHE A 70 -5.48 1.75 19.72
CA PHE A 70 -5.97 0.60 18.97
C PHE A 70 -7.47 0.53 18.71
N GLU A 71 -8.30 0.80 19.71
CA GLU A 71 -9.76 0.68 19.57
C GLU A 71 -10.33 1.72 18.61
N TYR A 72 -9.66 2.87 18.59
CA TYR A 72 -10.04 3.97 17.73
C TYR A 72 -9.56 3.84 16.26
N TYR A 73 -8.27 3.51 16.11
CA TYR A 73 -7.61 3.44 14.81
C TYR A 73 -7.44 2.02 14.27
N HIS A 74 -7.70 1.00 15.08
CA HIS A 74 -7.52 -0.39 14.66
C HIS A 74 -6.18 -0.64 14.06
N THR A 75 -5.17 0.06 14.56
CA THR A 75 -3.80 -0.29 14.21
C THR A 75 -2.83 -0.38 15.39
N LEU A 76 -1.86 -1.28 15.26
CA LEU A 76 -0.82 -1.37 16.26
C LEU A 76 0.44 -0.65 15.81
N ASP A 77 0.41 0.02 14.66
CA ASP A 77 1.64 0.61 14.13
C ASP A 77 2.06 1.82 14.95
N GLU A 78 3.17 1.65 15.67
CA GLU A 78 3.73 2.67 16.54
C GLU A 78 4.03 4.01 15.86
N SER A 79 4.26 4.00 14.54
CA SER A 79 4.58 5.20 13.75
C SER A 79 3.31 5.92 13.25
N PHE A 80 2.18 5.23 13.35
CA PHE A 80 0.97 5.75 12.75
C PHE A 80 0.57 7.19 13.20
N LEU A 81 0.41 7.45 14.50
CA LEU A 81 -0.06 8.76 14.97
C LEU A 81 0.86 9.90 14.54
N GLY A 82 2.17 9.70 14.64
CA GLY A 82 3.13 10.66 14.09
C GLY A 82 2.93 10.96 12.58
N ARG A 83 2.76 9.93 11.77
CA ARG A 83 2.60 10.16 10.33
C ARG A 83 1.25 10.86 10.09
N TYR A 84 0.27 10.46 10.88
CA TYR A 84 -1.03 11.06 10.81
C TYR A 84 -0.97 12.54 11.15
N MET A 85 -0.27 12.89 12.23
CA MET A 85 -0.12 14.30 12.58
C MET A 85 0.53 15.08 11.42
N SER A 86 1.64 14.58 10.90
CA SER A 86 2.37 15.29 9.86
C SER A 86 1.50 15.59 8.63
N ALA A 87 0.70 14.61 8.24
CA ALA A 87 -0.18 14.79 7.13
C ALA A 87 -1.20 15.85 7.47
N LEU A 88 -1.81 15.74 8.66
CA LEU A 88 -2.85 16.69 9.08
C LEU A 88 -2.32 18.14 8.98
N ASN A 89 -1.02 18.33 9.21
CA ASN A 89 -0.46 19.67 9.15
C ASN A 89 -0.66 20.26 7.76
N HIS A 90 -0.61 19.43 6.71
CA HIS A 90 -0.81 19.97 5.35
C HIS A 90 -2.27 19.91 4.89
N THR A 91 -2.95 18.78 5.12
CA THR A 91 -4.31 18.61 4.62
C THR A 91 -5.28 19.65 5.20
N LYS A 92 -5.09 20.04 6.46
CA LYS A 92 -5.98 21.02 7.08
C LYS A 92 -5.86 22.35 6.31
N LYS A 93 -4.80 22.51 5.51
CA LYS A 93 -4.65 23.67 4.63
C LYS A 93 -5.18 23.43 3.20
N TRP A 94 -5.90 22.35 2.94
CA TRP A 94 -6.44 22.10 1.62
C TRP A 94 -7.87 22.68 1.46
N LYS A 95 -8.28 22.94 0.22
CA LYS A 95 -9.67 23.31 -0.02
C LYS A 95 -10.50 22.12 -0.53
N PHE A 96 -11.76 22.09 -0.08
CA PHE A 96 -12.68 20.98 -0.26
C PHE A 96 -14.03 21.44 -0.80
N PRO A 97 -14.08 21.89 -2.06
CA PRO A 97 -15.30 22.40 -2.67
C PRO A 97 -16.36 21.33 -2.91
N GLN A 98 -17.64 21.70 -2.89
CA GLN A 98 -18.68 20.78 -3.36
C GLN A 98 -18.74 20.91 -4.88
N VAL A 99 -18.60 19.78 -5.56
CA VAL A 99 -18.54 19.72 -7.01
C VAL A 99 -19.51 18.63 -7.47
N GLY A 100 -20.42 18.99 -8.35
CA GLY A 100 -21.49 18.10 -8.78
C GLY A 100 -22.17 17.39 -7.62
N GLY A 101 -22.28 18.07 -6.49
CA GLY A 101 -22.99 17.50 -5.35
C GLY A 101 -22.10 16.76 -4.36
N LEU A 102 -20.81 16.62 -4.68
CA LEU A 102 -19.91 15.79 -3.86
C LEU A 102 -18.76 16.60 -3.26
N THR A 103 -18.25 16.19 -2.10
CA THR A 103 -17.00 16.80 -1.64
C THR A 103 -15.83 16.31 -2.50
N SER A 104 -14.97 17.25 -2.90
CA SER A 104 -13.82 16.95 -3.69
C SER A 104 -12.68 17.81 -3.16
N ILE A 105 -11.51 17.72 -3.81
CA ILE A 105 -10.35 18.47 -3.33
C ILE A 105 -9.78 19.38 -4.43
N LYS A 106 -9.51 20.62 -4.07
CA LYS A 106 -8.76 21.51 -4.95
C LYS A 106 -7.39 20.90 -5.11
N TRP A 107 -6.92 20.87 -6.35
CA TRP A 107 -5.62 20.27 -6.59
C TRP A 107 -4.53 20.93 -5.75
N ALA A 108 -3.71 20.10 -5.11
CA ALA A 108 -2.47 20.50 -4.46
C ALA A 108 -1.68 19.22 -4.11
N ASP A 109 -0.36 19.31 -4.05
CA ASP A 109 0.48 18.26 -3.45
C ASP A 109 0.24 16.89 -4.08
N ASN A 110 -0.05 16.90 -5.38
CA ASN A 110 -0.34 15.66 -6.05
C ASN A 110 -1.47 14.87 -5.38
N ASN A 111 -2.48 15.60 -4.89
CA ASN A 111 -3.62 14.98 -4.22
C ASN A 111 -4.80 14.50 -5.09
N OCS A 112 -4.77 14.77 -6.38
CA OCS A 112 -5.34 13.86 -7.38
CB OCS A 112 -4.13 13.10 -7.82
SG OCS A 112 -3.51 13.78 -9.23
C OCS A 112 -6.12 12.64 -7.00
O OCS A 112 -7.32 12.50 -7.20
OD1 OCS A 112 -2.36 14.56 -8.94
OD2 OCS A 112 -4.61 14.56 -9.63
OD3 OCS A 112 -3.27 12.71 -10.09
N TYR A 113 -5.30 11.68 -6.56
CA TYR A 113 -5.68 10.34 -6.38
C TYR A 113 -6.50 10.28 -5.13
N LEU A 114 -6.24 11.15 -4.15
CA LEU A 114 -7.06 11.20 -2.94
C LEU A 114 -8.38 11.80 -3.28
N SER A 115 -8.33 12.80 -4.13
CA SER A 115 -9.54 13.41 -4.62
C SER A 115 -10.43 12.34 -5.30
N SER A 116 -9.86 11.52 -6.18
CA SER A 116 -10.65 10.44 -6.77
C SER A 116 -11.15 9.40 -5.74
N VAL A 117 -10.36 9.12 -4.72
CA VAL A 117 -10.76 8.11 -3.74
C VAL A 117 -11.96 8.63 -2.99
N LEU A 118 -11.81 9.83 -2.45
CA LEU A 118 -12.88 10.51 -1.73
C LEU A 118 -14.17 10.67 -2.56
N LEU A 119 -14.06 11.04 -3.85
CA LEU A 119 -15.27 11.19 -4.62
C LEU A 119 -15.93 9.83 -4.81
N ALA A 120 -15.15 8.81 -5.14
CA ALA A 120 -15.75 7.49 -5.33
C ALA A 120 -16.41 6.91 -4.04
N LEU A 121 -15.76 7.04 -2.88
CA LEU A 121 -16.33 6.49 -1.65
C LEU A 121 -17.74 7.08 -1.42
N GLN A 122 -17.89 8.36 -1.73
CA GLN A 122 -19.13 9.07 -1.43
C GLN A 122 -20.31 8.50 -2.24
N GLN A 123 -20.03 7.54 -3.10
CA GLN A 123 -21.05 7.02 -3.98
C GLN A 123 -21.26 5.53 -3.72
N LEU A 124 -20.45 4.97 -2.83
CA LEU A 124 -20.52 3.55 -2.53
C LEU A 124 -21.26 3.33 -1.18
N GLU A 125 -22.12 2.33 -1.11
CA GLU A 125 -22.69 1.98 0.17
C GLU A 125 -21.63 1.21 0.90
N VAL A 126 -20.79 1.94 1.62
CA VAL A 126 -19.65 1.39 2.32
C VAL A 126 -19.51 2.05 3.71
N LYS A 127 -19.13 1.26 4.71
CA LYS A 127 -18.88 1.75 6.07
C LYS A 127 -17.49 1.34 6.56
N PHE A 128 -16.89 2.13 7.41
CA PHE A 128 -15.63 1.69 7.98
C PHE A 128 -15.80 1.11 9.39
N ASN A 129 -14.92 0.20 9.75
CA ASN A 129 -14.93 -0.37 11.06
C ASN A 129 -14.09 0.42 12.01
N ALA A 130 -12.97 0.97 11.56
CA ALA A 130 -12.19 1.80 12.47
C ALA A 130 -13.01 3.04 12.76
N PRO A 131 -13.36 3.26 14.04
CA PRO A 131 -14.04 4.48 14.47
C PRO A 131 -13.41 5.75 13.90
N ALA A 132 -12.06 5.90 13.91
CA ALA A 132 -11.43 7.10 13.34
C ALA A 132 -11.89 7.30 11.90
N LEU A 133 -11.94 6.22 11.12
CA LEU A 133 -12.38 6.30 9.71
C LEU A 133 -13.86 6.63 9.58
N GLN A 134 -14.71 5.95 10.35
CA GLN A 134 -16.17 6.14 10.26
C GLN A 134 -16.42 7.61 10.46
N GLU A 135 -15.78 8.16 11.49
CA GLU A 135 -16.08 9.50 11.95
C GLU A 135 -15.57 10.48 10.96
N ALA A 136 -14.30 10.33 10.61
CA ALA A 136 -13.62 11.23 9.70
C ALA A 136 -14.36 11.30 8.38
N TYR A 137 -14.91 10.16 7.99
CA TYR A 137 -15.62 10.04 6.74
C TYR A 137 -16.93 10.81 6.76
N TYR A 138 -17.72 10.58 7.80
CA TYR A 138 -18.95 11.33 8.02
C TYR A 138 -18.66 12.84 7.87
N ARG A 139 -17.61 13.33 8.50
CA ARG A 139 -17.28 14.75 8.37
C ARG A 139 -16.84 15.12 6.96
N ALA A 140 -16.15 14.21 6.27
CA ALA A 140 -15.73 14.48 4.90
C ALA A 140 -16.98 14.63 4.01
N ARG A 141 -17.95 13.76 4.22
CA ARG A 141 -19.19 13.83 3.47
C ARG A 141 -19.87 15.19 3.65
N ALA A 142 -19.59 15.88 4.75
CA ALA A 142 -20.18 17.20 4.97
C ALA A 142 -19.20 18.26 4.56
N GLY A 143 -18.12 17.85 3.93
CA GLY A 143 -17.17 18.81 3.37
C GLY A 143 -16.05 19.18 4.30
N ASP A 144 -15.92 18.47 5.42
CA ASP A 144 -14.78 18.72 6.28
C ASP A 144 -13.81 17.54 6.22
N ALA A 145 -12.87 17.58 5.26
CA ALA A 145 -12.22 16.34 4.85
C ALA A 145 -10.76 16.18 5.22
N ALA A 146 -10.15 17.20 5.84
CA ALA A 146 -8.72 17.14 6.17
C ALA A 146 -8.28 15.92 7.00
N ASN A 147 -8.96 15.66 8.11
CA ASN A 147 -8.68 14.48 8.93
C ASN A 147 -8.76 13.24 8.11
N PHE A 148 -9.79 13.15 7.30
CA PHE A 148 -10.05 11.94 6.57
C PHE A 148 -8.92 11.77 5.56
N CYS A 149 -8.51 12.86 4.91
CA CYS A 149 -7.45 12.71 3.94
C CYS A 149 -6.17 12.26 4.65
N ALA A 150 -5.87 12.88 5.78
CA ALA A 150 -4.68 12.55 6.52
C ALA A 150 -4.77 11.13 7.07
N LEU A 151 -5.96 10.59 7.23
CA LEU A 151 -6.03 9.22 7.72
C LEU A 151 -5.70 8.28 6.55
N ILE A 152 -6.24 8.60 5.37
CA ILE A 152 -5.98 7.83 4.17
C ILE A 152 -4.45 7.73 3.93
N LEU A 153 -3.78 8.86 3.98
CA LEU A 153 -2.35 8.87 3.81
C LEU A 153 -1.66 7.97 4.82
N ALA A 154 -2.13 7.98 6.07
CA ALA A 154 -1.43 7.30 7.14
C ALA A 154 -1.68 5.79 7.05
N TYR A 155 -2.89 5.42 6.67
CA TYR A 155 -3.30 4.03 6.61
C TYR A 155 -2.67 3.36 5.40
N SER A 156 -2.21 4.15 4.45
CA SER A 156 -1.53 3.55 3.31
C SER A 156 -0.09 3.98 3.20
N ASN A 157 0.50 4.36 4.32
CA ASN A 157 1.91 4.70 4.32
C ASN A 157 2.33 5.61 3.14
N LYS A 158 1.56 6.65 2.88
CA LYS A 158 2.03 7.69 1.99
C LYS A 158 2.12 9.05 2.68
N THR A 159 2.99 9.90 2.14
CA THR A 159 3.12 11.25 2.61
C THR A 159 2.66 12.27 1.55
N VAL A 160 2.27 13.44 2.07
CA VAL A 160 1.77 14.55 1.32
C VAL A 160 2.78 14.93 0.26
N GLY A 161 2.31 15.03 -0.98
CA GLY A 161 3.16 15.48 -2.08
C GLY A 161 3.53 14.37 -3.03
N GLU A 162 3.55 13.15 -2.55
CA GLU A 162 3.64 12.02 -3.47
C GLU A 162 2.41 11.96 -4.34
N LEU A 163 2.61 11.55 -5.58
CA LEU A 163 1.57 11.00 -6.40
C LEU A 163 1.37 9.59 -5.91
N GLY A 164 0.14 9.11 -6.04
CA GLY A 164 -0.25 7.81 -5.55
C GLY A 164 -1.26 7.14 -6.45
N ASP A 165 -1.42 5.85 -6.25
CA ASP A 165 -2.26 5.00 -7.06
C ASP A 165 -3.55 4.82 -6.32
N VAL A 166 -4.64 5.08 -7.03
CA VAL A 166 -5.97 4.93 -6.48
C VAL A 166 -6.32 3.47 -6.10
N ARG A 167 -6.13 2.53 -7.02
CA ARG A 167 -6.38 1.14 -6.68
C ARG A 167 -5.60 0.68 -5.41
N GLU A 168 -4.30 0.94 -5.34
CA GLU A 168 -3.51 0.53 -4.16
C GLU A 168 -4.07 1.18 -2.93
N THR A 169 -4.47 2.43 -3.05
CA THR A 169 -4.99 3.11 -1.90
C THR A 169 -6.27 2.47 -1.39
N MET A 170 -7.13 2.09 -2.32
CA MET A 170 -8.43 1.52 -1.95
C MET A 170 -8.16 0.17 -1.31
N THR A 171 -7.14 -0.50 -1.82
CA THR A 171 -6.74 -1.72 -1.19
C THR A 171 -6.48 -1.56 0.32
N HIS A 172 -5.68 -0.55 0.70
CA HIS A 172 -5.37 -0.32 2.10
C HIS A 172 -6.65 0.04 2.87
N LEU A 173 -7.45 0.95 2.32
CA LEU A 173 -8.64 1.46 3.00
C LEU A 173 -9.77 0.43 3.15
N LEU A 174 -9.94 -0.45 2.16
CA LEU A 174 -11.05 -1.37 2.17
C LEU A 174 -10.81 -2.52 3.16
N GLN A 175 -9.54 -2.84 3.41
CA GLN A 175 -9.11 -3.61 4.59
C GLN A 175 -9.72 -3.05 5.88
N HIS A 176 -10.12 -1.79 5.90
CA HIS A 176 -10.74 -1.27 7.09
C HIS A 176 -12.22 -1.02 6.88
N ALA A 177 -12.74 -1.61 5.81
CA ALA A 177 -14.16 -1.43 5.47
C ALA A 177 -14.97 -2.63 5.96
N ASN A 178 -16.25 -2.42 6.16
CA ASN A 178 -17.11 -3.55 6.51
C ASN A 178 -17.43 -4.47 5.32
N LEU A 179 -16.57 -5.44 5.04
CA LEU A 179 -16.77 -6.38 3.92
C LEU A 179 -17.14 -7.73 4.45
N GLU A 180 -17.61 -7.75 5.68
CA GLU A 180 -17.63 -8.97 6.45
C GLU A 180 -18.67 -9.93 5.87
N SER A 181 -19.56 -9.39 5.05
CA SER A 181 -20.56 -10.24 4.39
C SER A 181 -20.45 -10.23 2.85
N ALA A 182 -19.32 -9.77 2.32
CA ALA A 182 -19.14 -9.75 0.88
C ALA A 182 -18.62 -11.10 0.45
N LYS A 183 -19.04 -11.54 -0.72
CA LYS A 183 -18.70 -12.88 -1.21
C LYS A 183 -18.61 -12.82 -2.72
N ARG A 184 -17.63 -13.50 -3.30
CA ARG A 184 -17.50 -13.55 -4.76
C ARG A 184 -17.08 -14.94 -5.10
N VAL A 185 -17.75 -15.56 -6.06
CA VAL A 185 -17.40 -16.92 -6.46
C VAL A 185 -17.13 -16.88 -7.93
N LEU A 186 -15.98 -17.41 -8.32
CA LEU A 186 -15.57 -17.44 -9.72
C LEU A 186 -15.32 -18.85 -10.10
N ASN A 187 -15.70 -19.15 -11.33
CA ASN A 187 -15.47 -20.41 -11.99
C ASN A 187 -14.27 -20.21 -12.87
N VAL A 188 -13.41 -21.21 -12.97
CA VAL A 188 -12.26 -21.09 -13.84
C VAL A 188 -12.29 -22.29 -14.76
N VAL A 189 -11.91 -22.09 -16.03
CA VAL A 189 -12.01 -23.17 -16.99
C VAL A 189 -10.76 -23.28 -17.88
N CYS A 190 -10.54 -24.49 -18.36
CA CYS A 190 -9.41 -24.81 -19.23
C CYS A 190 -9.85 -25.97 -20.11
N LYS A 191 -10.20 -25.70 -21.37
CA LYS A 191 -10.79 -26.74 -22.23
C LYS A 191 -9.77 -27.82 -22.68
N HIS A 192 -8.55 -27.73 -22.16
CA HIS A 192 -7.61 -28.86 -22.11
C HIS A 192 -7.37 -29.08 -20.61
N CYS A 193 -8.46 -29.36 -19.89
CA CYS A 193 -8.46 -29.41 -18.43
C CYS A 193 -9.87 -29.61 -17.86
N GLY A 194 -9.99 -29.46 -16.55
CA GLY A 194 -11.26 -29.51 -15.85
C GLY A 194 -11.71 -28.13 -15.40
N GLN A 195 -12.60 -28.07 -14.42
CA GLN A 195 -13.21 -26.79 -14.01
C GLN A 195 -13.07 -26.55 -12.50
N LYS A 196 -12.49 -25.41 -12.13
CA LYS A 196 -12.13 -25.09 -10.75
C LYS A 196 -12.97 -23.97 -10.14
N THR A 197 -13.69 -24.24 -9.05
CA THR A 197 -14.43 -23.18 -8.38
C THR A 197 -13.61 -22.55 -7.28
N THR A 198 -13.59 -21.22 -7.27
CA THR A 198 -12.88 -20.41 -6.27
C THR A 198 -13.88 -19.49 -5.59
N THR A 199 -13.67 -19.23 -4.30
CA THR A 199 -14.51 -18.32 -3.55
C THR A 199 -13.61 -17.24 -2.92
N LEU A 200 -13.98 -15.98 -3.03
CA LEU A 200 -13.13 -14.91 -2.58
C LEU A 200 -13.86 -14.02 -1.57
N THR A 201 -13.14 -13.59 -0.53
CA THR A 201 -13.71 -12.81 0.56
C THR A 201 -12.80 -11.68 0.98
N GLY A 202 -13.30 -10.75 1.78
CA GLY A 202 -12.58 -9.54 2.03
C GLY A 202 -12.37 -8.75 0.72
N VAL A 203 -11.28 -8.01 0.65
CA VAL A 203 -11.05 -7.07 -0.39
C VAL A 203 -11.24 -7.68 -1.79
N GLU A 204 -10.76 -8.89 -2.02
CA GLU A 204 -10.84 -9.45 -3.38
C GLU A 204 -12.27 -9.83 -3.79
N ALA A 205 -13.21 -9.81 -2.85
CA ALA A 205 -14.62 -10.04 -3.21
C ALA A 205 -15.18 -8.85 -4.01
N VAL A 206 -14.65 -7.66 -3.74
CA VAL A 206 -15.14 -6.49 -4.43
C VAL A 206 -14.16 -5.85 -5.41
N MET A 207 -12.89 -6.26 -5.39
CA MET A 207 -11.83 -5.57 -6.13
C MET A 207 -11.29 -6.58 -7.12
N TYR A 208 -11.18 -6.23 -8.41
CA TYR A 208 -10.70 -7.15 -9.45
C TYR A 208 -9.73 -6.40 -10.33
N MET A 209 -8.54 -6.95 -10.54
CA MET A 209 -7.64 -6.33 -11.48
C MET A 209 -7.54 -7.15 -12.72
N GLY A 210 -7.86 -6.55 -13.89
CA GLY A 210 -7.63 -7.23 -15.16
C GLY A 210 -8.61 -6.92 -16.28
N THR A 211 -9.68 -6.22 -15.93
CA THR A 211 -10.57 -5.68 -16.95
C THR A 211 -11.41 -4.61 -16.29
N LEU A 212 -11.87 -3.66 -17.10
CA LEU A 212 -12.63 -2.52 -16.59
C LEU A 212 -14.12 -2.81 -16.62
N SER A 213 -14.50 -3.84 -17.36
CA SER A 213 -15.90 -4.15 -17.66
C SER A 213 -16.49 -5.28 -16.76
N TYR A 214 -17.40 -4.94 -15.84
CA TYR A 214 -18.11 -5.94 -15.05
C TYR A 214 -18.81 -6.99 -15.93
N ASP A 215 -19.31 -6.58 -17.10
CA ASP A 215 -19.95 -7.56 -17.97
C ASP A 215 -18.90 -8.56 -18.37
N ASN A 216 -17.79 -8.08 -18.88
CA ASN A 216 -16.72 -8.95 -19.30
C ASN A 216 -16.44 -10.09 -18.29
N LEU A 217 -16.45 -9.73 -17.01
CA LEU A 217 -16.26 -10.69 -15.93
C LEU A 217 -17.44 -11.68 -15.81
N LYS A 218 -18.65 -11.20 -16.08
CA LYS A 218 -19.80 -12.08 -16.14
C LYS A 218 -19.69 -13.14 -17.25
N THR A 219 -19.45 -12.68 -18.48
CA THR A 219 -19.40 -13.53 -19.68
C THR A 219 -18.10 -14.24 -19.91
N GLY A 220 -17.11 -14.05 -19.07
CA GLY A 220 -15.84 -14.74 -19.23
C GLY A 220 -14.73 -13.80 -19.65
N VAL A 221 -13.58 -13.88 -18.98
CA VAL A 221 -12.38 -13.10 -19.30
C VAL A 221 -11.14 -13.99 -19.28
N SER A 222 -10.21 -13.78 -20.22
CA SER A 222 -9.11 -14.74 -20.48
C SER A 222 -7.70 -14.27 -20.11
N ILE A 223 -6.75 -15.22 -20.10
CA ILE A 223 -5.32 -14.93 -19.88
C ILE A 223 -4.44 -16.18 -20.19
N PRO A 224 -3.17 -15.98 -20.62
CA PRO A 224 -2.25 -17.09 -20.99
C PRO A 224 -2.14 -18.27 -19.98
N CYS A 225 -2.46 -19.49 -20.40
CA CYS A 225 -2.69 -20.63 -19.47
C CYS A 225 -1.44 -21.30 -18.83
N VAL A 226 -1.68 -22.38 -18.09
CA VAL A 226 -0.64 -23.14 -17.37
C VAL A 226 -0.56 -24.63 -17.79
N CYS A 227 -0.73 -24.93 -19.08
CA CYS A 227 -0.63 -26.32 -19.59
C CYS A 227 -0.52 -26.48 -21.13
N GLY A 228 -0.81 -25.43 -21.88
CA GLY A 228 -0.79 -25.48 -23.34
C GLY A 228 -1.49 -24.29 -23.99
N ARG A 229 -2.81 -24.21 -23.78
CA ARG A 229 -3.62 -23.10 -24.32
C ARG A 229 -4.40 -22.37 -23.21
N ASP A 230 -4.66 -21.09 -23.44
CA ASP A 230 -5.48 -20.26 -22.53
C ASP A 230 -6.64 -20.74 -21.60
N ALA A 231 -6.78 -20.09 -20.44
CA ALA A 231 -7.80 -20.44 -19.45
C ALA A 231 -8.74 -19.27 -19.16
N THR A 232 -10.02 -19.56 -18.92
CA THR A 232 -11.03 -18.52 -18.69
C THR A 232 -11.55 -18.42 -17.26
N GLN A 233 -12.13 -17.27 -16.94
CA GLN A 233 -12.62 -16.99 -15.60
C GLN A 233 -13.96 -16.30 -15.76
N TYR A 234 -14.95 -16.78 -15.03
CA TYR A 234 -16.24 -16.10 -15.06
C TYR A 234 -16.94 -16.08 -13.70
N LEU A 235 -17.81 -15.10 -13.55
CA LEU A 235 -18.43 -14.78 -12.30
C LEU A 235 -19.69 -15.59 -12.17
N VAL A 236 -19.70 -16.49 -11.20
CA VAL A 236 -20.86 -17.31 -10.96
C VAL A 236 -21.71 -16.70 -9.85
N GLN A 237 -21.10 -15.96 -8.95
CA GLN A 237 -21.90 -15.30 -7.91
C GLN A 237 -21.18 -14.10 -7.30
N GLN A 238 -21.96 -13.05 -7.04
CA GLN A 238 -21.48 -11.85 -6.40
C GLN A 238 -22.46 -11.41 -5.31
N GLU A 239 -21.97 -11.05 -4.13
CA GLU A 239 -22.81 -10.46 -3.09
C GLU A 239 -22.10 -9.24 -2.50
N SER A 240 -22.56 -8.04 -2.85
CA SER A 240 -21.99 -6.84 -2.26
C SER A 240 -22.71 -5.61 -2.73
N SER A 241 -22.41 -4.47 -2.10
CA SER A 241 -23.08 -3.24 -2.44
C SER A 241 -22.49 -2.57 -3.68
N PHE A 242 -21.28 -2.97 -4.03
CA PHE A 242 -20.63 -2.47 -5.26
C PHE A 242 -19.53 -3.41 -5.66
N VAL A 243 -18.89 -3.09 -6.79
CA VAL A 243 -17.62 -3.72 -7.17
C VAL A 243 -16.73 -2.73 -7.91
N MET A 244 -15.43 -2.91 -7.77
CA MET A 244 -14.44 -2.03 -8.40
C MET A 244 -13.64 -2.81 -9.42
N MET A 245 -13.72 -2.41 -10.70
CA MET A 245 -12.97 -3.10 -11.78
C MET A 245 -11.75 -2.26 -12.21
N SER A 246 -10.56 -2.86 -12.20
CA SER A 246 -9.37 -2.10 -12.49
C SER A 246 -8.52 -2.75 -13.58
N ALA A 247 -7.74 -1.96 -14.30
CA ALA A 247 -6.83 -2.47 -15.30
C ALA A 247 -5.85 -1.36 -15.59
N PRO A 248 -4.66 -1.70 -16.12
CA PRO A 248 -3.73 -0.65 -16.51
C PRO A 248 -4.47 0.25 -17.48
N PRO A 249 -4.19 1.55 -17.43
CA PRO A 249 -5.03 2.49 -18.19
C PRO A 249 -5.14 2.10 -19.68
N ALA A 250 -6.35 2.15 -20.17
CA ALA A 250 -6.61 1.76 -21.53
C ALA A 250 -7.82 2.54 -22.10
N GLU A 251 -7.81 2.69 -23.42
CA GLU A 251 -8.81 3.44 -24.13
C GLU A 251 -10.12 2.69 -23.96
N TYR A 252 -11.12 3.38 -23.42
CA TYR A 252 -12.35 2.74 -23.00
C TYR A 252 -13.52 3.76 -23.03
N LYS A 253 -14.68 3.30 -23.47
CA LYS A 253 -15.82 4.18 -23.68
C LYS A 253 -16.82 4.04 -22.57
N LEU A 254 -17.08 5.12 -21.83
CA LEU A 254 -18.07 5.10 -20.76
C LEU A 254 -19.41 5.68 -21.21
N GLN A 255 -20.48 4.91 -21.06
CA GLN A 255 -21.81 5.35 -21.45
C GLN A 255 -22.72 5.57 -20.25
N GLN A 256 -23.61 6.54 -20.36
CA GLN A 256 -24.60 6.78 -19.35
C GLN A 256 -25.41 5.51 -19.16
N GLY A 257 -25.87 5.31 -17.92
CA GLY A 257 -26.54 4.08 -17.53
C GLY A 257 -25.76 2.76 -17.50
N THR A 258 -24.44 2.77 -17.53
CA THR A 258 -23.75 1.49 -17.62
C THR A 258 -22.86 1.21 -16.43
N PHE A 259 -22.64 2.22 -15.61
CA PHE A 259 -21.59 2.18 -14.61
C PHE A 259 -21.94 3.23 -13.59
N LEU A 260 -21.24 3.24 -12.46
CA LEU A 260 -21.52 4.19 -11.40
C LEU A 260 -20.55 5.36 -11.43
N CYS A 261 -19.26 5.07 -11.26
CA CYS A 261 -18.23 6.07 -11.44
C CYS A 261 -16.96 5.40 -11.93
N ALA A 262 -15.97 6.20 -12.31
CA ALA A 262 -14.72 5.74 -12.88
C ALA A 262 -13.59 6.72 -12.65
N ASN A 263 -12.35 6.27 -12.81
CA ASN A 263 -11.18 7.14 -12.80
C ASN A 263 -10.41 7.05 -14.14
N GLU A 264 -9.93 8.19 -14.59
CA GLU A 264 -9.14 8.22 -15.77
C GLU A 264 -7.76 8.56 -15.28
N TYR A 265 -6.75 8.03 -15.95
CA TYR A 265 -5.41 8.42 -15.64
C TYR A 265 -4.67 8.75 -16.91
N THR A 266 -4.13 9.96 -16.99
CA THR A 266 -3.36 10.38 -18.16
C THR A 266 -1.92 10.62 -17.83
N GLY A 267 -1.01 9.96 -18.54
CA GLY A 267 0.41 10.14 -18.30
C GLY A 267 1.11 8.80 -18.44
N ASN A 268 2.28 8.65 -17.82
CA ASN A 268 2.87 7.33 -17.70
C ASN A 268 2.85 6.88 -16.24
N TYR A 269 3.51 5.76 -15.97
CA TYR A 269 3.53 5.20 -14.65
C TYR A 269 4.10 6.15 -13.61
N GLN A 270 5.16 6.89 -13.97
CA GLN A 270 5.88 7.70 -12.98
C GLN A 270 5.13 8.96 -12.69
N CSO A 271 4.49 9.55 -13.69
CA CSO A 271 3.90 10.84 -13.48
CB CSO A 271 4.95 11.93 -13.76
SG CSO A 271 4.22 13.57 -13.76
C CSO A 271 2.67 10.98 -14.34
O CSO A 271 2.65 10.49 -15.46
OD CSO A 271 3.62 14.01 -12.10
N GLY A 272 1.61 11.59 -13.81
CA GLY A 272 0.37 11.63 -14.55
C GLY A 272 -0.71 12.25 -13.75
N HIS A 273 -1.92 12.24 -14.29
CA HIS A 273 -3.00 12.99 -13.69
C HIS A 273 -4.26 12.17 -13.66
N TYR A 274 -4.89 12.10 -12.49
CA TYR A 274 -6.21 11.46 -12.41
C TYR A 274 -7.30 12.52 -12.50
N THR A 275 -8.42 12.13 -13.11
CA THR A 275 -9.67 12.83 -12.91
C THR A 275 -10.76 11.77 -12.68
N HIS A 276 -11.89 12.21 -12.17
CA HIS A 276 -12.97 11.30 -11.79
C HIS A 276 -14.20 11.53 -12.64
N ILE A 277 -14.85 10.45 -13.04
CA ILE A 277 -16.01 10.54 -13.90
C ILE A 277 -17.19 9.86 -13.22
N THR A 278 -18.31 10.57 -13.06
CA THR A 278 -19.51 10.01 -12.43
C THR A 278 -20.71 10.30 -13.33
N ALA A 279 -21.68 9.40 -13.35
CA ALA A 279 -22.84 9.58 -14.25
C ALA A 279 -24.08 9.93 -13.46
N LYS A 280 -24.57 11.16 -13.53
CA LYS A 280 -25.84 11.47 -12.91
C LYS A 280 -26.90 11.60 -14.02
N GLU A 281 -27.61 12.72 -14.05
CA GLU A 281 -28.36 13.12 -15.24
C GLU A 281 -27.55 12.90 -16.53
N THR A 282 -26.33 13.41 -16.54
CA THR A 282 -25.40 13.12 -17.61
C THR A 282 -24.04 12.74 -17.00
N LEU A 283 -23.04 12.45 -17.85
CA LEU A 283 -21.66 12.21 -17.38
C LEU A 283 -21.03 13.50 -16.90
N TYR A 284 -20.29 13.41 -15.80
CA TYR A 284 -19.55 14.53 -15.24
C TYR A 284 -18.09 14.12 -15.13
N ARG A 285 -17.18 15.05 -15.32
CA ARG A 285 -15.77 14.78 -15.14
C ARG A 285 -15.34 15.74 -14.05
N ILE A 286 -14.81 15.24 -12.93
CA ILE A 286 -14.41 16.13 -11.86
C ILE A 286 -12.91 16.13 -11.73
N ASP A 287 -12.32 17.30 -11.84
CA ASP A 287 -10.88 17.47 -11.92
C ASP A 287 -10.60 18.45 -10.79
N GLY A 288 -10.58 17.95 -9.57
CA GLY A 288 -10.47 18.77 -8.37
C GLY A 288 -11.57 19.79 -8.25
N ALA A 289 -11.23 21.06 -8.35
CA ALA A 289 -12.24 22.09 -8.28
C ALA A 289 -13.10 22.15 -9.56
N HIS A 290 -12.61 21.53 -10.64
CA HIS A 290 -13.19 21.71 -11.97
C HIS A 290 -14.17 20.62 -12.45
N LEU A 291 -15.26 21.06 -13.08
CA LEU A 291 -16.33 20.17 -13.52
C LEU A 291 -16.59 20.42 -14.98
N THR A 292 -16.82 19.39 -15.74
CA THR A 292 -17.28 19.56 -17.09
C THR A 292 -18.26 18.46 -17.33
N LYS A 293 -19.09 18.61 -18.36
CA LYS A 293 -20.22 17.71 -18.64
C LYS A 293 -20.09 17.09 -20.03
N MET A 294 -20.56 15.88 -20.20
CA MET A 294 -20.52 15.27 -21.51
C MET A 294 -21.46 14.07 -21.60
N SER A 295 -21.94 13.79 -22.81
CA SER A 295 -22.92 12.74 -22.97
C SER A 295 -22.26 11.38 -23.05
N GLU A 296 -20.98 11.37 -23.41
CA GLU A 296 -20.25 10.11 -23.54
C GLU A 296 -18.75 10.38 -23.54
N TYR A 297 -17.96 9.37 -23.16
CA TYR A 297 -16.54 9.57 -22.94
C TYR A 297 -15.73 8.39 -23.49
N LYS A 298 -14.60 8.71 -24.09
CA LYS A 298 -13.66 7.71 -24.55
C LYS A 298 -12.29 8.19 -24.19
N GLY A 299 -11.69 7.56 -23.20
CA GLY A 299 -10.36 7.94 -22.75
C GLY A 299 -9.66 6.84 -21.99
N PRO A 300 -8.50 7.17 -21.43
CA PRO A 300 -7.69 6.18 -20.71
C PRO A 300 -8.27 6.02 -19.31
N VAL A 301 -8.92 4.91 -19.08
CA VAL A 301 -9.60 4.66 -17.83
C VAL A 301 -8.89 3.54 -17.12
N THR A 302 -8.88 3.61 -15.81
CA THR A 302 -8.13 2.60 -15.07
C THR A 302 -8.94 1.92 -13.96
N ASP A 303 -9.98 2.59 -13.48
CA ASP A 303 -10.87 2.01 -12.46
C ASP A 303 -12.32 2.34 -12.87
N VAL A 304 -13.21 1.36 -12.78
CA VAL A 304 -14.64 1.57 -12.99
C VAL A 304 -15.38 0.94 -11.83
N PHE A 305 -16.25 1.71 -11.18
CA PHE A 305 -17.11 1.22 -10.11
C PHE A 305 -18.54 0.91 -10.57
N TYR A 306 -19.07 -0.24 -10.18
CA TYR A 306 -20.47 -0.64 -10.48
C TYR A 306 -21.30 -0.90 -9.23
N LYS A 307 -22.60 -0.62 -9.31
CA LYS A 307 -23.51 -0.84 -8.18
C LYS A 307 -23.97 -2.28 -8.19
N GLU A 308 -24.14 -2.86 -7.00
CA GLU A 308 -24.50 -4.28 -6.88
C GLU A 308 -25.36 -4.51 -5.60
N THR A 309 -26.08 -5.61 -5.57
CA THR A 309 -26.79 -6.04 -4.36
C THR A 309 -26.59 -7.54 -4.27
N SER A 310 -27.08 -8.28 -5.26
CA SER A 310 -26.83 -9.72 -5.33
C SER A 310 -26.94 -10.22 -6.76
N TYR A 311 -25.87 -10.84 -7.25
CA TYR A 311 -25.85 -11.38 -8.60
C TYR A 311 -25.49 -12.82 -8.56
N THR A 312 -26.11 -13.56 -9.47
CA THR A 312 -25.96 -14.98 -9.55
C THR A 312 -26.37 -15.37 -10.98
N THR A 313 -25.87 -16.51 -11.47
CA THR A 313 -25.93 -16.79 -12.89
C THR A 313 -26.67 -18.08 -13.21
N LEU B 65 -11.31 -18.17 21.01
CA LEU B 65 -12.06 -16.93 20.87
C LEU B 65 -11.35 -15.90 19.95
N ARG B 66 -12.03 -14.77 19.76
CA ARG B 66 -11.49 -13.68 18.96
C ARG B 66 -10.23 -13.11 19.56
N SER B 67 -9.81 -13.61 20.71
CA SER B 67 -8.76 -12.93 21.40
C SER B 67 -7.48 -13.55 21.00
N GLU B 68 -7.52 -14.86 20.85
CA GLU B 68 -6.29 -15.60 20.72
C GLU B 68 -5.76 -15.39 19.30
N ALA B 69 -6.70 -15.27 18.37
CA ALA B 69 -6.36 -15.14 16.96
C ALA B 69 -5.93 -13.73 16.67
N PHE B 70 -6.48 -12.75 17.37
CA PHE B 70 -5.95 -11.42 17.21
C PHE B 70 -4.56 -11.38 17.79
N GLU B 71 -4.34 -12.02 18.91
CA GLU B 71 -3.05 -11.89 19.56
C GLU B 71 -1.95 -12.55 18.72
N TYR B 72 -2.34 -13.56 17.94
CA TYR B 72 -1.38 -14.37 17.23
C TYR B 72 -1.15 -13.84 15.80
N TYR B 73 -2.25 -13.45 15.12
CA TYR B 73 -2.25 -13.00 13.72
C TYR B 73 -2.23 -11.50 13.56
N HIS B 74 -2.64 -10.77 14.60
CA HIS B 74 -2.65 -9.31 14.54
C HIS B 74 -3.56 -8.71 13.44
N THR B 75 -4.72 -9.29 13.20
CA THR B 75 -5.72 -8.63 12.38
C THR B 75 -7.13 -8.81 12.95
N LEU B 76 -8.03 -7.91 12.59
CA LEU B 76 -9.41 -8.00 13.00
C LEU B 76 -10.30 -8.40 11.86
N ASP B 77 -9.69 -8.78 10.72
CA ASP B 77 -10.41 -9.10 9.49
C ASP B 77 -10.98 -10.47 9.61
N GLU B 78 -12.29 -10.56 9.82
CA GLU B 78 -12.95 -11.86 9.96
C GLU B 78 -12.74 -12.79 8.74
N SER B 79 -12.23 -12.25 7.63
CA SER B 79 -11.98 -13.04 6.42
C SER B 79 -10.66 -13.84 6.45
N PHE B 80 -9.73 -13.32 7.25
CA PHE B 80 -8.35 -13.78 7.23
C PHE B 80 -8.16 -15.29 7.27
N LEU B 81 -8.70 -15.92 8.30
CA LEU B 81 -8.36 -17.32 8.62
C LEU B 81 -8.80 -18.27 7.53
N GLY B 82 -9.96 -18.05 6.96
CA GLY B 82 -10.34 -18.82 5.81
C GLY B 82 -9.54 -18.49 4.55
N ARG B 83 -9.05 -17.28 4.38
CA ARG B 83 -8.21 -17.03 3.20
C ARG B 83 -6.87 -17.76 3.40
N TYR B 84 -6.34 -17.73 4.63
CA TYR B 84 -5.09 -18.45 4.96
C TYR B 84 -5.22 -19.96 4.72
N MET B 85 -6.17 -20.57 5.43
CA MET B 85 -6.50 -21.97 5.24
C MET B 85 -6.61 -22.34 3.78
N SER B 86 -7.40 -21.58 3.04
CA SER B 86 -7.61 -21.87 1.65
C SER B 86 -6.29 -21.82 0.85
N ALA B 87 -5.49 -20.80 1.08
CA ALA B 87 -4.15 -20.82 0.48
C ALA B 87 -3.29 -22.01 0.93
N LEU B 88 -3.38 -22.38 2.21
CA LEU B 88 -2.52 -23.43 2.76
C LEU B 88 -2.83 -24.76 2.10
N ASN B 89 -4.05 -24.99 1.63
CA ASN B 89 -4.28 -26.21 0.86
C ASN B 89 -3.37 -26.29 -0.36
N HIS B 90 -3.05 -25.16 -0.98
CA HIS B 90 -2.19 -25.20 -2.15
C HIS B 90 -0.70 -25.11 -1.83
N THR B 91 -0.32 -24.25 -0.88
CA THR B 91 1.11 -23.99 -0.71
C THR B 91 1.85 -25.19 -0.12
N LYS B 92 1.12 -26.02 0.64
CA LYS B 92 1.69 -27.24 1.24
C LYS B 92 1.98 -28.26 0.12
N LYS B 93 1.48 -27.99 -1.07
CA LYS B 93 1.81 -28.82 -2.20
C LYS B 93 3.04 -28.32 -2.98
N TRP B 94 3.50 -27.12 -2.68
CA TRP B 94 4.64 -26.56 -3.42
C TRP B 94 5.95 -27.20 -2.96
N LYS B 95 6.97 -27.18 -3.79
CA LYS B 95 8.29 -27.63 -3.37
C LYS B 95 9.23 -26.45 -2.99
N PHE B 96 10.01 -26.62 -1.94
CA PHE B 96 10.90 -25.58 -1.51
C PHE B 96 12.36 -26.00 -1.53
N PRO B 97 12.96 -25.98 -2.70
CA PRO B 97 14.38 -26.36 -2.80
C PRO B 97 15.36 -25.35 -2.21
N GLN B 98 16.50 -25.84 -1.74
CA GLN B 98 17.57 -24.91 -1.38
C GLN B 98 18.39 -24.58 -2.63
N VAL B 99 18.54 -23.29 -2.90
CA VAL B 99 19.34 -22.81 -4.03
C VAL B 99 20.23 -21.70 -3.45
N GLY B 100 21.51 -21.67 -3.84
CA GLY B 100 22.51 -20.82 -3.20
C GLY B 100 22.44 -20.83 -1.68
N GLY B 101 21.89 -21.88 -1.13
CA GLY B 101 21.88 -22.00 0.33
C GLY B 101 20.71 -21.24 0.91
N LEU B 102 19.74 -20.88 0.08
CA LEU B 102 18.55 -20.16 0.49
C LEU B 102 17.34 -20.98 0.15
N THR B 103 16.24 -20.76 0.86
CA THR B 103 15.03 -21.49 0.58
C THR B 103 14.27 -20.78 -0.51
N SER B 104 14.09 -21.46 -1.64
CA SER B 104 13.38 -20.96 -2.82
C SER B 104 12.04 -21.71 -3.03
N ILE B 105 11.42 -21.50 -4.17
CA ILE B 105 10.20 -22.24 -4.47
C ILE B 105 10.21 -22.65 -5.92
N LYS B 106 9.96 -23.93 -6.17
CA LYS B 106 9.88 -24.44 -7.54
C LYS B 106 8.64 -23.82 -8.12
N TRP B 107 8.74 -23.41 -9.37
CA TRP B 107 7.70 -22.59 -9.99
C TRP B 107 6.32 -23.27 -10.08
N ALA B 108 5.28 -22.58 -9.60
CA ALA B 108 3.90 -23.05 -9.69
C ALA B 108 2.91 -21.92 -9.42
N ASP B 109 1.79 -21.92 -10.12
CA ASP B 109 0.70 -21.00 -9.80
C ASP B 109 1.16 -19.56 -9.77
N ASN B 110 2.10 -19.19 -10.61
CA ASN B 110 2.54 -17.80 -10.67
C ASN B 110 3.11 -17.33 -9.35
N ASN B 111 3.75 -18.25 -8.64
CA ASN B 111 4.38 -17.95 -7.34
C ASN B 111 5.79 -17.37 -7.42
N OCS B 112 6.26 -17.03 -8.62
CA OCS B 112 7.61 -16.47 -8.76
CB OCS B 112 8.00 -16.21 -10.23
SG OCS B 112 6.69 -15.35 -11.13
C OCS B 112 7.74 -15.18 -7.96
O OCS B 112 8.83 -14.86 -7.49
OD1 OCS B 112 5.83 -16.33 -11.71
OD2 OCS B 112 5.93 -14.61 -10.18
OD3 OCS B 112 7.19 -14.46 -12.11
N TYR B 113 6.66 -14.41 -7.80
CA TYR B 113 6.86 -13.15 -7.07
C TYR B 113 7.04 -13.44 -5.58
N LEU B 114 6.41 -14.51 -5.09
CA LEU B 114 6.55 -14.93 -3.70
C LEU B 114 7.90 -15.56 -3.47
N SER B 115 8.32 -16.38 -4.41
CA SER B 115 9.68 -16.90 -4.37
C SER B 115 10.73 -15.74 -4.13
N SER B 116 10.60 -14.61 -4.82
CA SER B 116 11.55 -13.51 -4.63
C SER B 116 11.35 -12.87 -3.26
N VAL B 117 10.09 -12.71 -2.86
CA VAL B 117 9.79 -12.12 -1.55
C VAL B 117 10.44 -13.02 -0.48
N LEU B 118 10.13 -14.31 -0.52
CA LEU B 118 10.74 -15.26 0.37
C LEU B 118 12.29 -15.16 0.35
N LEU B 119 12.91 -15.07 -0.83
CA LEU B 119 14.37 -15.13 -0.88
C LEU B 119 14.92 -13.83 -0.31
N ALA B 120 14.23 -12.77 -0.64
CA ALA B 120 14.64 -11.48 -0.17
C ALA B 120 14.62 -11.46 1.37
N LEU B 121 13.50 -11.83 1.96
CA LEU B 121 13.37 -11.76 3.41
C LEU B 121 14.42 -12.62 4.13
N GLN B 122 14.91 -13.69 3.52
CA GLN B 122 15.91 -14.50 4.21
C GLN B 122 17.22 -13.75 4.31
N GLN B 123 17.32 -12.64 3.61
CA GLN B 123 18.58 -11.93 3.58
C GLN B 123 18.54 -10.61 4.32
N LEU B 124 17.38 -10.23 4.82
CA LEU B 124 17.26 -9.00 5.52
C LEU B 124 17.11 -9.29 7.04
N GLU B 125 17.65 -8.40 7.84
CA GLU B 125 17.44 -8.44 9.29
C GLU B 125 16.12 -7.75 9.62
N VAL B 126 15.04 -8.52 9.57
CA VAL B 126 13.71 -8.04 9.89
C VAL B 126 13.14 -8.96 10.95
N LYS B 127 12.40 -8.39 11.86
CA LYS B 127 11.64 -9.21 12.77
C LYS B 127 10.20 -8.81 12.54
N PHE B 128 9.32 -9.80 12.48
CA PHE B 128 7.89 -9.52 12.48
C PHE B 128 7.28 -9.45 13.89
N ASN B 129 6.50 -8.40 14.12
CA ASN B 129 5.64 -8.27 15.31
C ASN B 129 4.48 -9.26 15.42
N ALA B 130 3.89 -9.73 14.33
CA ALA B 130 2.83 -10.73 14.53
C ALA B 130 3.42 -12.13 14.74
N PRO B 131 3.13 -12.71 15.91
CA PRO B 131 3.72 -14.00 16.24
C PRO B 131 3.58 -14.97 15.12
N ALA B 132 2.38 -15.09 14.54
CA ALA B 132 2.15 -16.01 13.43
C ALA B 132 3.24 -15.85 12.34
N LEU B 133 3.52 -14.61 11.95
CA LEU B 133 4.41 -14.40 10.86
C LEU B 133 5.84 -14.77 11.24
N GLN B 134 6.22 -14.38 12.46
CA GLN B 134 7.58 -14.60 12.97
C GLN B 134 7.87 -16.10 13.10
N GLU B 135 6.90 -16.85 13.57
CA GLU B 135 7.11 -18.29 13.67
C GLU B 135 7.24 -18.86 12.28
N ALA B 136 6.29 -18.56 11.41
CA ALA B 136 6.29 -19.12 10.03
C ALA B 136 7.55 -18.76 9.25
N TYR B 137 8.10 -17.59 9.58
CA TYR B 137 9.30 -17.08 8.92
C TYR B 137 10.54 -17.85 9.36
N TYR B 138 10.60 -18.13 10.65
CA TYR B 138 11.63 -18.97 11.26
C TYR B 138 11.56 -20.35 10.62
N ARG B 139 10.36 -20.92 10.52
CA ARG B 139 10.21 -22.23 9.88
C ARG B 139 10.72 -22.18 8.43
N ALA B 140 10.33 -21.12 7.72
CA ALA B 140 10.67 -21.01 6.31
C ALA B 140 12.16 -20.84 6.17
N ARG B 141 12.79 -20.13 7.08
CA ARG B 141 14.23 -20.03 6.97
C ARG B 141 14.82 -21.44 7.03
N ALA B 142 14.10 -22.40 7.57
CA ALA B 142 14.60 -23.79 7.64
C ALA B 142 14.20 -24.67 6.47
N GLY B 143 13.52 -24.09 5.49
CA GLY B 143 13.08 -24.87 4.33
C GLY B 143 11.64 -25.33 4.44
N ASP B 144 10.99 -25.07 5.57
CA ASP B 144 9.56 -25.36 5.66
C ASP B 144 8.77 -24.06 5.61
N ALA B 145 8.32 -23.70 4.41
CA ALA B 145 7.78 -22.36 4.23
C ALA B 145 6.38 -22.30 3.65
N ALA B 146 5.72 -23.46 3.48
CA ALA B 146 4.33 -23.47 3.02
C ALA B 146 3.48 -22.57 3.92
N ASN B 147 3.81 -22.60 5.18
CA ASN B 147 3.10 -21.78 6.11
C ASN B 147 3.31 -20.30 5.89
N PHE B 148 4.57 -19.90 5.84
CA PHE B 148 4.95 -18.50 5.61
C PHE B 148 4.34 -17.98 4.30
N CYS B 149 4.32 -18.83 3.28
CA CYS B 149 3.75 -18.45 2.01
C CYS B 149 2.27 -18.24 2.07
N ALA B 150 1.52 -19.18 2.66
CA ALA B 150 0.07 -18.98 2.77
C ALA B 150 -0.24 -17.71 3.58
N LEU B 151 0.60 -17.38 4.56
CA LEU B 151 0.33 -16.19 5.36
C LEU B 151 0.64 -14.92 4.55
N ILE B 152 1.72 -14.93 3.77
CA ILE B 152 2.05 -13.78 2.94
C ILE B 152 0.87 -13.40 2.03
N LEU B 153 0.27 -14.39 1.39
CA LEU B 153 -0.87 -14.19 0.50
C LEU B 153 -2.04 -13.60 1.27
N ALA B 154 -2.32 -14.16 2.43
CA ALA B 154 -3.50 -13.77 3.16
C ALA B 154 -3.31 -12.38 3.73
N TYR B 155 -2.11 -12.06 4.20
CA TYR B 155 -1.86 -10.73 4.72
C TYR B 155 -1.96 -9.70 3.61
N SER B 156 -1.77 -10.11 2.35
CA SER B 156 -1.83 -9.10 1.29
C SER B 156 -2.96 -9.31 0.34
N ASN B 157 -3.98 -10.02 0.81
CA ASN B 157 -5.23 -10.21 0.07
C ASN B 157 -5.06 -10.64 -1.35
N LYS B 158 -4.17 -11.59 -1.53
CA LYS B 158 -3.92 -12.20 -2.83
C LYS B 158 -4.32 -13.64 -2.67
N THR B 159 -4.55 -14.28 -3.81
CA THR B 159 -5.03 -15.65 -3.88
C THR B 159 -4.06 -16.50 -4.71
N VAL B 160 -3.98 -17.79 -4.38
CA VAL B 160 -3.10 -18.69 -5.13
C VAL B 160 -3.50 -18.70 -6.60
N GLY B 161 -2.49 -18.74 -7.49
CA GLY B 161 -2.66 -18.64 -8.92
C GLY B 161 -2.52 -17.24 -9.55
N GLU B 162 -2.89 -16.19 -8.82
CA GLU B 162 -2.61 -14.82 -9.25
C GLU B 162 -1.10 -14.57 -9.38
N LEU B 163 -0.68 -13.89 -10.44
CA LEU B 163 0.62 -13.23 -10.46
C LEU B 163 0.47 -12.05 -9.51
N GLY B 164 1.59 -11.50 -9.05
CA GLY B 164 1.58 -10.41 -8.10
C GLY B 164 2.87 -9.58 -8.13
N ASP B 165 2.81 -8.46 -7.43
CA ASP B 165 3.85 -7.47 -7.32
C ASP B 165 4.65 -7.56 -6.02
N VAL B 166 5.94 -7.86 -6.12
CA VAL B 166 6.81 -7.92 -4.97
C VAL B 166 6.81 -6.63 -4.15
N ARG B 167 6.91 -5.47 -4.79
CA ARG B 167 6.96 -4.23 -4.03
C ARG B 167 5.68 -3.96 -3.24
N GLU B 168 4.57 -4.24 -3.88
CA GLU B 168 3.27 -4.05 -3.28
C GLU B 168 3.12 -5.04 -2.15
N THR B 169 3.59 -6.26 -2.37
CA THR B 169 3.49 -7.31 -1.38
C THR B 169 4.37 -6.97 -0.14
N MET B 170 5.57 -6.48 -0.41
CA MET B 170 6.44 -6.07 0.68
C MET B 170 5.76 -4.94 1.43
N THR B 171 5.05 -4.08 0.74
CA THR B 171 4.38 -3.05 1.51
C THR B 171 3.47 -3.64 2.57
N HIS B 172 2.69 -4.66 2.26
CA HIS B 172 1.78 -5.24 3.23
C HIS B 172 2.56 -5.95 4.32
N LEU B 173 3.53 -6.77 3.94
CA LEU B 173 4.33 -7.51 4.91
C LEU B 173 5.06 -6.63 5.88
N LEU B 174 5.62 -5.54 5.40
CA LEU B 174 6.36 -4.68 6.26
C LEU B 174 5.46 -3.85 7.19
N GLN B 175 4.17 -3.74 6.87
CA GLN B 175 3.26 -3.09 7.80
C GLN B 175 3.22 -3.88 9.11
N HIS B 176 3.65 -5.14 9.08
CA HIS B 176 3.67 -6.01 10.24
C HIS B 176 5.11 -6.32 10.68
N ALA B 177 6.08 -5.50 10.28
CA ALA B 177 7.44 -5.75 10.73
C ALA B 177 7.74 -4.78 11.83
N ASN B 178 8.73 -5.05 12.66
CA ASN B 178 9.12 -4.06 13.66
C ASN B 178 10.00 -3.05 12.97
N LEU B 179 9.42 -1.90 12.70
CA LEU B 179 10.14 -0.79 12.11
C LEU B 179 10.16 0.38 13.11
N GLU B 180 9.96 0.05 14.39
CA GLU B 180 9.86 1.05 15.47
C GLU B 180 11.09 1.99 15.52
N SER B 181 12.25 1.57 15.04
CA SER B 181 13.37 2.49 15.04
C SER B 181 13.68 3.05 13.66
N ALA B 182 12.98 2.61 12.62
CA ALA B 182 13.40 3.00 11.29
C ALA B 182 13.12 4.46 11.16
N LYS B 183 14.04 5.19 10.54
CA LYS B 183 13.85 6.62 10.42
C LYS B 183 14.56 7.03 9.18
N ARG B 184 13.97 7.96 8.44
CA ARG B 184 14.63 8.42 7.22
C ARG B 184 14.48 9.94 7.10
N VAL B 185 15.55 10.66 6.76
CA VAL B 185 15.47 12.11 6.72
C VAL B 185 15.94 12.55 5.36
N LEU B 186 15.08 13.26 4.64
CA LEU B 186 15.39 13.72 3.30
C LEU B 186 15.38 15.23 3.25
N ASN B 187 16.25 15.78 2.43
CA ASN B 187 16.34 17.20 2.23
C ASN B 187 15.88 17.48 0.83
N VAL B 188 14.95 18.43 0.67
CA VAL B 188 14.43 18.75 -0.65
C VAL B 188 14.89 20.15 -0.99
N VAL B 189 15.54 20.30 -2.13
CA VAL B 189 16.17 21.55 -2.49
C VAL B 189 15.66 22.15 -3.81
N CYS B 190 15.52 23.46 -3.83
CA CYS B 190 14.98 24.17 -4.98
C CYS B 190 15.69 25.50 -5.14
N LYS B 191 15.70 26.02 -6.36
CA LYS B 191 16.29 27.33 -6.60
C LYS B 191 15.36 28.40 -6.04
N HIS B 192 14.06 28.19 -6.22
CA HIS B 192 13.07 29.16 -5.78
C HIS B 192 12.31 28.68 -4.54
N CYS B 193 11.93 27.40 -4.50
CA CYS B 193 11.29 26.85 -3.31
C CYS B 193 12.24 26.70 -2.11
N GLY B 194 13.47 27.17 -2.25
CA GLY B 194 14.43 27.12 -1.15
C GLY B 194 14.69 25.71 -0.66
N GLN B 195 14.75 25.53 0.66
CA GLN B 195 15.03 24.22 1.27
C GLN B 195 13.75 23.53 1.73
N LYS B 196 13.92 22.50 2.56
CA LYS B 196 12.83 21.75 3.22
C LYS B 196 13.31 20.35 3.64
N THR B 197 13.01 20.00 4.88
CA THR B 197 13.36 18.69 5.40
C THR B 197 12.10 17.86 5.61
N THR B 198 12.15 16.58 5.25
CA THR B 198 11.08 15.63 5.53
C THR B 198 11.61 14.40 6.27
N THR B 199 10.84 13.92 7.24
CA THR B 199 11.24 12.80 8.04
C THR B 199 10.22 11.69 7.89
N LEU B 200 10.69 10.49 7.56
CA LEU B 200 9.83 9.34 7.28
C LEU B 200 10.11 8.22 8.23
N THR B 201 9.05 7.51 8.56
CA THR B 201 9.06 6.44 9.53
C THR B 201 8.09 5.32 9.07
N GLY B 202 8.06 4.21 9.79
CA GLY B 202 7.40 3.03 9.27
C GLY B 202 7.95 2.59 7.92
N VAL B 203 7.03 2.08 7.12
CA VAL B 203 7.34 1.43 5.87
C VAL B 203 8.15 2.39 4.97
N GLU B 204 7.78 3.67 4.94
CA GLU B 204 8.48 4.55 4.02
C GLU B 204 9.87 4.91 4.53
N ALA B 205 10.21 4.50 5.74
CA ALA B 205 11.56 4.72 6.18
C ALA B 205 12.42 3.82 5.33
N VAL B 206 11.89 2.67 4.98
CA VAL B 206 12.72 1.67 4.30
C VAL B 206 12.43 1.45 2.82
N MET B 207 11.23 1.81 2.35
CA MET B 207 10.86 1.58 0.95
C MET B 207 10.83 2.89 0.22
N TYR B 208 11.41 2.95 -0.98
CA TYR B 208 11.43 4.14 -1.84
C TYR B 208 11.19 3.74 -3.31
N MET B 209 10.53 4.64 -4.03
CA MET B 209 10.00 4.41 -5.34
C MET B 209 10.52 5.53 -6.21
N GLY B 210 11.21 5.22 -7.29
CA GLY B 210 11.63 6.26 -8.24
C GLY B 210 13.05 6.12 -8.71
N THR B 211 13.90 5.43 -7.96
CA THR B 211 15.18 5.02 -8.48
C THR B 211 15.55 3.65 -7.88
N LEU B 212 16.39 2.91 -8.63
CA LEU B 212 16.95 1.66 -8.15
C LEU B 212 18.23 1.87 -7.38
N SER B 213 18.78 3.07 -7.45
CA SER B 213 20.15 3.32 -6.98
C SER B 213 20.22 4.03 -5.59
N TYR B 214 20.79 3.35 -4.61
CA TYR B 214 20.97 3.96 -3.29
C TYR B 214 21.94 5.14 -3.38
N ASP B 215 22.93 5.04 -4.26
CA ASP B 215 23.85 6.15 -4.43
C ASP B 215 23.10 7.39 -4.91
N ASN B 216 22.23 7.25 -5.91
CA ASN B 216 21.58 8.44 -6.47
C ASN B 216 20.78 9.10 -5.35
N LEU B 217 20.21 8.31 -4.48
CA LEU B 217 19.46 8.93 -3.40
C LEU B 217 20.38 9.79 -2.52
N LYS B 218 21.63 9.35 -2.39
CA LYS B 218 22.58 10.00 -1.47
C LYS B 218 23.22 11.23 -2.12
N THR B 219 23.44 11.18 -3.43
CA THR B 219 23.98 12.34 -4.05
C THR B 219 22.92 13.33 -4.53
N GLY B 220 21.66 12.89 -4.65
CA GLY B 220 20.60 13.75 -5.20
C GLY B 220 19.75 13.14 -6.31
N VAL B 221 18.45 13.08 -6.13
CA VAL B 221 17.62 12.67 -7.25
C VAL B 221 16.61 13.72 -7.56
N SER B 222 16.22 13.78 -8.83
CA SER B 222 15.12 14.61 -9.29
C SER B 222 13.76 14.02 -8.96
N ILE B 223 12.75 14.87 -8.98
CA ILE B 223 11.37 14.44 -8.78
C ILE B 223 10.43 15.11 -9.78
N PRO B 224 9.33 14.43 -10.15
CA PRO B 224 8.20 15.09 -10.85
C PRO B 224 7.43 16.14 -10.00
N CYS B 225 8.14 17.21 -9.61
CA CYS B 225 7.66 18.22 -8.65
C CYS B 225 6.35 18.92 -9.04
N VAL B 226 5.87 19.75 -8.11
CA VAL B 226 4.61 20.49 -8.22
C VAL B 226 4.74 21.74 -9.12
N CYS B 227 5.97 22.24 -9.29
CA CYS B 227 6.22 23.46 -10.08
C CYS B 227 6.85 23.18 -11.45
N GLY B 228 6.69 21.95 -11.95
CA GLY B 228 7.07 21.63 -13.32
C GLY B 228 8.45 22.05 -13.81
N ARG B 229 9.31 22.53 -12.88
CA ARG B 229 10.70 22.85 -13.23
C ARG B 229 11.67 21.93 -12.44
N ASP B 230 12.48 22.49 -11.53
CA ASP B 230 13.55 21.74 -10.88
C ASP B 230 13.09 21.18 -9.56
N ALA B 231 13.90 20.32 -8.95
CA ALA B 231 13.47 19.59 -7.75
C ALA B 231 14.43 18.46 -7.39
N THR B 232 15.10 18.58 -6.26
CA THR B 232 16.06 17.55 -5.84
C THR B 232 15.90 17.05 -4.39
N GLN B 233 15.94 15.74 -4.24
CA GLN B 233 15.95 15.10 -2.93
C GLN B 233 17.30 14.45 -2.71
N TYR B 234 17.76 14.51 -1.47
CA TYR B 234 18.87 13.66 -1.08
C TYR B 234 18.77 13.22 0.37
N LEU B 235 19.51 12.17 0.66
CA LEU B 235 19.39 11.54 1.93
C LEU B 235 20.35 12.20 2.92
N VAL B 236 19.79 12.60 4.06
CA VAL B 236 20.53 13.20 5.14
C VAL B 236 20.86 12.15 6.19
N GLN B 237 19.87 11.36 6.55
CA GLN B 237 20.10 10.35 7.56
C GLN B 237 19.24 9.13 7.31
N GLN B 238 19.83 7.96 7.57
CA GLN B 238 19.11 6.74 7.44
C GLN B 238 19.43 5.89 8.65
N GLU B 239 18.38 5.35 9.29
CA GLU B 239 18.54 4.34 10.31
C GLU B 239 17.62 3.16 9.98
N SER B 240 18.20 2.02 9.63
CA SER B 240 17.42 0.81 9.45
C SER B 240 18.41 -0.24 9.12
N SER B 241 17.99 -1.51 9.22
CA SER B 241 18.85 -2.65 8.86
C SER B 241 19.00 -2.93 7.35
N PHE B 242 18.16 -2.28 6.54
CA PHE B 242 18.21 -2.42 5.08
C PHE B 242 17.46 -1.27 4.45
N VAL B 243 17.65 -1.07 3.15
CA VAL B 243 16.70 -0.29 2.38
C VAL B 243 16.31 -1.03 1.09
N MET B 244 15.13 -0.72 0.58
CA MET B 244 14.60 -1.31 -0.64
C MET B 244 14.31 -0.18 -1.61
N MET B 245 14.98 -0.20 -2.78
CA MET B 245 14.83 0.84 -3.78
C MET B 245 14.04 0.27 -4.98
N SER B 246 13.00 0.97 -5.45
CA SER B 246 12.18 0.45 -6.55
C SER B 246 11.90 1.46 -7.66
N ALA B 247 11.50 0.97 -8.80
CA ALA B 247 11.33 1.80 -9.98
C ALA B 247 10.75 0.85 -10.99
N PRO B 248 10.05 1.38 -11.99
CA PRO B 248 9.54 0.46 -13.00
C PRO B 248 10.72 -0.22 -13.73
N PRO B 249 10.60 -1.50 -14.07
CA PRO B 249 11.74 -2.22 -14.66
C PRO B 249 12.49 -1.41 -15.68
N ALA B 250 13.78 -1.35 -15.54
CA ALA B 250 14.64 -0.66 -16.48
C ALA B 250 15.96 -1.43 -16.56
N GLU B 251 16.58 -1.39 -17.73
CA GLU B 251 17.86 -2.06 -17.95
C GLU B 251 18.82 -1.45 -16.95
N TYR B 252 19.62 -2.29 -16.31
CA TYR B 252 20.38 -1.84 -15.16
C TYR B 252 21.41 -2.89 -14.82
N LYS B 253 22.62 -2.45 -14.45
CA LYS B 253 23.74 -3.39 -14.24
C LYS B 253 23.93 -3.57 -12.75
N LEU B 254 24.00 -4.81 -12.28
CA LEU B 254 24.23 -5.05 -10.87
C LEU B 254 25.64 -5.58 -10.72
N GLN B 255 26.36 -5.07 -9.71
CA GLN B 255 27.77 -5.44 -9.51
C GLN B 255 27.95 -5.96 -8.10
N GLN B 256 28.78 -6.98 -8.01
CA GLN B 256 29.16 -7.57 -6.77
C GLN B 256 29.72 -6.55 -5.77
N GLY B 257 29.27 -6.57 -4.53
CA GLY B 257 29.85 -5.72 -3.52
C GLY B 257 29.15 -4.38 -3.45
N THR B 258 27.98 -4.25 -4.11
CA THR B 258 27.27 -2.95 -4.12
C THR B 258 25.77 -3.03 -3.80
N PHE B 259 25.27 -4.25 -3.64
CA PHE B 259 23.90 -4.40 -3.19
C PHE B 259 23.82 -5.68 -2.39
N LEU B 260 22.71 -5.95 -1.75
CA LEU B 260 22.53 -7.23 -1.06
C LEU B 260 21.78 -8.24 -1.98
N CYS B 261 20.64 -7.84 -2.53
CA CYS B 261 19.94 -8.72 -3.44
C CYS B 261 18.95 -7.89 -4.27
N ALA B 262 18.28 -8.52 -5.21
CA ALA B 262 17.46 -7.72 -6.11
C ALA B 262 16.49 -8.63 -6.84
N ASN B 263 15.47 -8.02 -7.45
CA ASN B 263 14.57 -8.72 -8.36
C ASN B 263 14.67 -8.11 -9.74
N GLU B 264 14.56 -8.97 -10.76
CA GLU B 264 14.45 -8.58 -12.14
C GLU B 264 13.04 -8.95 -12.56
N TYR B 265 12.43 -8.16 -13.42
CA TYR B 265 11.14 -8.50 -13.95
C TYR B 265 11.11 -8.35 -15.45
N THR B 266 10.78 -9.44 -16.13
CA THR B 266 10.84 -9.47 -17.60
C THR B 266 9.46 -9.63 -18.18
N GLY B 267 9.04 -8.68 -19.00
CA GLY B 267 7.74 -8.73 -19.67
C GLY B 267 7.00 -7.42 -19.57
N ASN B 268 5.68 -7.46 -19.58
CA ASN B 268 4.91 -6.21 -19.42
C ASN B 268 4.12 -6.26 -18.15
N TYR B 269 3.33 -5.24 -17.90
CA TYR B 269 2.71 -5.10 -16.61
C TYR B 269 1.80 -6.29 -16.36
N GLN B 270 1.09 -6.71 -17.40
CA GLN B 270 0.10 -7.78 -17.23
C GLN B 270 0.77 -9.10 -17.11
N CYS B 271 1.80 -9.35 -17.92
CA CYS B 271 2.35 -10.68 -18.06
C CYS B 271 3.87 -10.67 -18.06
N GLY B 272 4.50 -11.28 -17.06
CA GLY B 272 5.95 -11.23 -16.97
C GLY B 272 6.50 -12.25 -15.99
N HIS B 273 7.82 -12.29 -15.83
CA HIS B 273 8.47 -13.25 -14.96
C HIS B 273 9.48 -12.52 -14.06
N TYR B 274 9.38 -12.78 -12.76
CA TYR B 274 10.35 -12.31 -11.79
C TYR B 274 11.45 -13.35 -11.66
N THR B 275 12.70 -12.91 -11.49
CA THR B 275 13.77 -13.78 -10.99
C THR B 275 14.58 -13.04 -9.93
N HIS B 276 15.23 -13.77 -9.06
CA HIS B 276 15.88 -13.08 -7.95
C HIS B 276 17.36 -13.05 -8.16
N ILE B 277 18.00 -11.96 -7.79
CA ILE B 277 19.45 -11.88 -7.92
C ILE B 277 20.11 -11.54 -6.61
N THR B 278 21.07 -12.38 -6.23
CA THR B 278 21.77 -12.19 -4.96
C THR B 278 23.27 -12.37 -5.09
N ALA B 279 23.99 -11.85 -4.11
CA ALA B 279 25.48 -11.88 -4.21
C ALA B 279 26.15 -12.74 -3.11
N LYS B 280 26.95 -13.72 -3.51
CA LYS B 280 27.80 -14.51 -2.60
C LYS B 280 29.25 -14.45 -3.12
N GLU B 281 29.87 -15.57 -3.48
CA GLU B 281 31.25 -15.44 -4.01
C GLU B 281 31.19 -14.75 -5.36
N THR B 282 30.00 -14.82 -5.95
CA THR B 282 29.76 -14.13 -7.20
C THR B 282 28.26 -13.92 -7.30
N LEU B 283 27.77 -13.38 -8.41
CA LEU B 283 26.32 -13.17 -8.54
C LEU B 283 25.62 -14.47 -8.89
N TYR B 284 24.53 -14.70 -8.16
CA TYR B 284 23.60 -15.81 -8.34
C TYR B 284 22.22 -15.35 -8.84
N ARG B 285 21.77 -15.85 -9.97
CA ARG B 285 20.40 -15.51 -10.40
C ARG B 285 19.45 -16.65 -10.06
N ILE B 286 18.61 -16.49 -9.06
CA ILE B 286 17.74 -17.58 -8.69
C ILE B 286 16.35 -17.46 -9.35
N ASP B 287 16.02 -18.53 -10.07
CA ASP B 287 14.76 -18.60 -10.79
C ASP B 287 14.01 -19.87 -10.34
N GLY B 288 13.30 -19.76 -9.22
CA GLY B 288 12.66 -20.89 -8.61
C GLY B 288 13.73 -21.88 -8.19
N ALA B 289 13.71 -23.02 -8.84
CA ALA B 289 14.66 -24.06 -8.58
C ALA B 289 15.98 -23.83 -9.33
N HIS B 290 15.96 -22.99 -10.37
CA HIS B 290 17.12 -22.86 -11.28
C HIS B 290 18.15 -21.81 -10.84
N LEU B 291 19.36 -21.90 -11.39
CA LEU B 291 20.45 -21.04 -10.96
C LEU B 291 21.45 -20.76 -12.08
N THR B 292 21.73 -19.50 -12.37
CA THR B 292 22.92 -19.16 -13.10
C THR B 292 23.85 -18.23 -12.25
N LYS B 293 25.13 -18.25 -12.57
CA LYS B 293 26.13 -17.42 -11.88
C LYS B 293 26.82 -16.50 -12.88
N MET B 294 27.17 -15.31 -12.43
CA MET B 294 27.86 -14.39 -13.29
C MET B 294 28.52 -13.31 -12.40
N SER B 295 29.53 -12.65 -12.94
CA SER B 295 30.26 -11.59 -12.25
C SER B 295 29.49 -10.28 -12.14
N GLU B 296 28.81 -9.94 -13.21
CA GLU B 296 27.91 -8.80 -13.24
C GLU B 296 26.64 -9.20 -14.01
N TYR B 297 25.53 -8.54 -13.72
CA TYR B 297 24.29 -8.82 -14.38
C TYR B 297 23.80 -7.50 -14.97
N LYS B 298 23.26 -7.56 -16.19
CA LYS B 298 22.57 -6.42 -16.77
C LYS B 298 21.18 -6.88 -17.21
N GLY B 299 20.12 -6.28 -16.70
CA GLY B 299 18.79 -6.73 -17.03
C GLY B 299 17.71 -5.77 -16.52
N PRO B 300 16.46 -6.21 -16.63
CA PRO B 300 15.42 -5.27 -16.23
C PRO B 300 15.14 -5.39 -14.76
N VAL B 301 15.73 -4.52 -13.97
CA VAL B 301 15.67 -4.67 -12.51
C VAL B 301 14.57 -3.77 -12.02
N THR B 302 13.91 -4.16 -10.94
CA THR B 302 12.78 -3.37 -10.47
C THR B 302 12.81 -3.15 -8.96
N ASP B 303 13.47 -4.02 -8.20
CA ASP B 303 13.76 -3.75 -6.79
C ASP B 303 15.23 -4.09 -6.52
N VAL B 304 15.89 -3.24 -5.73
CA VAL B 304 17.21 -3.54 -5.21
C VAL B 304 17.18 -3.25 -3.69
N PHE B 305 17.61 -4.23 -2.92
CA PHE B 305 17.80 -4.09 -1.47
C PHE B 305 19.27 -3.77 -1.15
N TYR B 306 19.48 -2.93 -0.13
CA TYR B 306 20.85 -2.61 0.31
C TYR B 306 20.96 -2.72 1.83
N LYS B 307 22.18 -2.99 2.30
CA LYS B 307 22.38 -3.12 3.72
C LYS B 307 22.59 -1.74 4.25
N GLU B 308 22.09 -1.51 5.46
CA GLU B 308 22.23 -0.25 6.16
C GLU B 308 22.33 -0.57 7.65
N THR B 309 22.87 0.36 8.43
CA THR B 309 22.62 0.36 9.88
C THR B 309 22.39 1.80 10.25
N SER B 310 23.33 2.64 9.90
CA SER B 310 23.14 4.01 10.24
C SER B 310 23.95 4.87 9.30
N TYR B 311 23.31 5.76 8.54
CA TYR B 311 24.01 6.55 7.56
C TYR B 311 23.75 8.02 7.81
N THR B 312 24.81 8.84 7.74
CA THR B 312 24.71 10.28 7.89
C THR B 312 25.48 10.90 6.75
N THR B 313 24.91 11.92 6.13
CA THR B 313 25.45 12.42 4.89
C THR B 313 26.61 13.30 5.23
N THR B 314 27.42 13.57 4.23
CA THR B 314 28.64 14.34 4.26
C THR B 314 28.34 15.75 3.74
N ILE B 315 27.19 15.88 3.08
CA ILE B 315 26.74 17.12 2.45
C ILE B 315 26.27 18.20 3.43
N LYS B 316 26.51 19.45 3.08
CA LYS B 316 25.65 20.55 3.50
C LYS B 316 25.57 21.57 2.38
ZN ZN C . -5.43 -25.45 -18.29
F55 P85 D . 9.11 5.21 -9.95
C26 P85 D . 7.95 5.78 -9.66
C27 P85 D . 6.74 5.02 -9.64
C28 P85 D . 5.54 5.65 -9.33
C25 P85 D . 7.89 7.19 -9.33
C24 P85 D . 6.69 7.82 -8.99
C23 P85 D . 5.51 7.06 -8.97
C22 P85 D . 4.19 7.70 -8.69
N21 P85 D . 3.23 7.21 -9.68
C19 P85 D . 2.01 6.63 -9.26
O20 P85 D . 1.71 6.58 -8.11
C16 P85 D . 1.02 6.09 -10.29
C17 P85 D . 1.26 4.64 -10.39
C18 P85 D . 0.49 4.06 -11.54
N13 P85 D . -0.98 4.32 -11.52
C14 P85 D . -1.35 5.60 -10.86
C15 P85 D . -0.39 6.33 -9.94
C11 P85 D . -1.82 4.04 -12.84
C12 P85 D . -3.31 4.02 -12.80
C1 P85 D . -1.38 2.63 -13.41
C2 P85 D . -1.78 1.52 -12.75
C3 P85 D . -1.37 0.17 -13.20
C4 P85 D . -0.56 0.06 -14.30
C5 P85 D . -0.13 1.26 -15.02
C6 P85 D . -0.51 2.50 -14.59
C10 P85 D . 0.70 1.13 -16.15
C9 P85 D . 1.15 2.30 -16.83
C8 P85 D . 0.77 3.55 -16.40
C7 P85 D . -0.04 3.69 -15.28
H271 P85 D . 6.75 4.03 -9.88
H281 P85 D . 4.74 5.16 -9.32
H251 P85 D . 8.74 7.73 -9.32
H241 P85 D . 6.67 8.79 -8.77
H221 P85 D . 4.26 8.72 -8.78
H222 P85 D . 3.90 7.48 -7.78
H211 P85 D . 3.45 7.23 -10.61
H161 P85 D . 1.32 6.49 -11.13
H172 P85 D . 2.21 4.49 -10.51
H171 P85 D . 0.96 4.21 -9.56
H182 P85 D . 0.84 4.39 -12.31
H181 P85 D . 0.64 3.14 -11.54
H141 P85 D . -1.64 6.23 -11.57
H142 P85 D . -2.19 5.41 -10.30
H151 P85 D . -0.57 7.32 -9.99
H152 P85 D . -0.57 6.01 -8.98
H111 P85 D . -1.56 4.74 -13.48
H123 P85 D . -3.67 3.57 -13.66
H122 P85 D . -3.63 4.91 -12.75
H121 P85 D . -3.59 3.56 -12.07
H21 P85 D . -2.34 1.60 -11.99
H31 P85 D . -1.68 -0.63 -12.74
H41 P85 D . -0.30 -0.84 -14.62
H101 P85 D . 0.98 0.23 -16.46
H91 P85 D . 1.73 2.21 -17.62
H81 P85 D . 1.07 4.32 -16.86
H71 P85 D . -0.30 4.52 -14.99
S DMS E . 3.12 4.25 -5.19
O DMS E . 2.81 3.29 -6.33
C1 DMS E . 4.90 4.27 -4.84
C2 DMS E . 3.09 5.86 -5.98
H11 DMS E . 5.21 3.31 -4.48
H12 DMS E . 5.11 5.00 -4.11
H13 DMS E . 5.44 4.50 -5.72
H21 DMS E . 2.10 6.07 -6.32
H22 DMS E . 3.75 5.88 -6.80
H23 DMS E . 3.37 6.61 -5.28
ZN ZN F . 9.87 23.38 -6.60
F55 P85 G . -4.48 -6.27 -15.34
C26 P85 G . -3.51 -6.96 -14.76
C27 P85 G . -2.55 -6.31 -13.95
C28 P85 G . -1.54 -7.03 -13.31
C25 P85 G . -3.38 -8.40 -14.91
C24 P85 G . -2.38 -9.14 -14.27
C23 P85 G . -1.45 -8.46 -13.44
C22 P85 G . -0.34 -9.17 -12.75
N21 P85 G . 0.95 -8.53 -12.95
C19 P85 G . 1.69 -8.03 -11.87
O20 P85 G . 1.27 -8.14 -10.76
C16 P85 G . 3.03 -7.31 -12.14
C17 P85 G . 2.75 -5.87 -12.09
C18 P85 G . 3.94 -5.04 -11.72
N13 P85 G . 5.28 -5.64 -12.02
C14 P85 G . 5.40 -7.11 -11.70
C15 P85 G . 4.13 -7.72 -11.22
C11 P85 G . 6.62 -4.84 -12.17
C12 P85 G . 7.58 -4.93 -11.03
C1 P85 G . 6.26 -3.30 -12.51
C2 P85 G . 6.16 -2.45 -11.48
C3 P85 G . 5.81 -1.02 -11.72
C4 P85 G . 5.58 -0.56 -12.97
C5 P85 G . 5.67 -1.48 -14.11
C6 P85 G . 6.00 -2.79 -13.89
C10 P85 G . 5.46 -0.94 -15.40
C9 P85 G . 5.54 -1.84 -16.52
C8 P85 G . 5.86 -3.17 -16.31
C7 P85 G . 6.11 -3.66 -15.03
NA NA H . 23.75 11.93 1.09
S DMS I . 23.22 -12.65 1.51
O DMS I . 23.97 -13.88 1.08
C1 DMS I . 23.55 -12.12 3.23
C2 DMS I . 23.74 -11.18 0.57
H11 DMS I . 23.21 -12.85 3.90
H12 DMS I . 23.05 -11.20 3.41
H13 DMS I . 24.60 -11.97 3.35
H21 DMS I . 23.49 -11.30 -0.45
H22 DMS I . 24.79 -11.08 0.66
H23 DMS I . 23.27 -10.32 0.96
S DMS J . -12.02 -18.64 0.99
O DMS J . -11.09 -18.37 2.15
C1 DMS J . -13.55 -19.38 1.64
C2 DMS J . -12.53 -16.98 0.44
H11 DMS J . -13.96 -18.75 2.40
H12 DMS J . -13.33 -20.33 2.06
H13 DMS J . -14.25 -19.49 0.86
H21 DMS J . -11.70 -16.46 0.07
H22 DMS J . -12.95 -16.45 1.27
H23 DMS J . -13.27 -17.07 -0.31
S DMS K . -1.71 -6.81 -9.40
O DMS K . -0.53 -7.53 -8.81
C1 DMS K . -2.71 -6.38 -7.95
C2 DMS K . -1.14 -5.18 -9.99
H11 DMS K . -2.12 -5.85 -7.26
H12 DMS K . -3.07 -7.26 -7.50
H13 DMS K . -3.53 -5.78 -8.24
H21 DMS K . -0.45 -5.30 -10.79
H22 DMS K . -0.67 -4.66 -9.19
H23 DMS K . -1.97 -4.61 -10.33
S DMS L . 24.42 -1.32 -8.83
O DMS L . 24.89 -2.73 -8.70
C1 DMS L . 23.35 -0.71 -7.48
C2 DMS L . 25.77 -0.14 -9.02
H11 DMS L . 23.84 -0.85 -6.56
H12 DMS L . 22.44 -1.25 -7.49
H13 DMS L . 23.15 0.32 -7.63
H21 DMS L . 26.26 -0.32 -9.95
H22 DMS L . 26.46 -0.26 -8.23
H23 DMS L . 25.38 0.85 -9.02
#